data_5XC7
#
_entry.id   5XC7
#
_cell.length_a   53.045
_cell.length_b   92.172
_cell.length_c   102.515
_cell.angle_alpha   90.00
_cell.angle_beta   90.00
_cell.angle_gamma   90.00
#
_symmetry.space_group_name_H-M   'P 21 21 21'
#
loop_
_entity.id
_entity.type
_entity.pdbx_description
1 polymer 'NS3 Helicase'
2 non-polymer GLYCEROL
3 non-polymer 'CHLORIDE ION'
4 water water
#
_entity_poly.entity_id   1
_entity_poly.type   'polypeptide(L)'
_entity_poly.pdbx_seq_one_letter_code
;GSAMGEPDYEVDEDIFRKKRLTIMDLHPGAGKTKRILPSIVREALKRRLRTLILAPTRVVAAEMEEALRGLPIRYQTPAV
KSDHTGREIVDLMCHATFTTRLLSSTRVPNYNLIVMDEAHFTAPCSVAARGYISTRVEMGEAAAIFMTATPPGSIDPFPQ
SNSPIEDIEREIPERSWNTGFDWITDYQGKTVWFVPSIKAGNDIANCLRKSGKRVIQLSRKTFDTEYPKTKLTDWDFVVT
TDISEMGANFRAGRVIDPRRCLKPVILTDGPERVILAGPIPVTPASAAQRRGRIGRNPAQEDDQYVFSGDPLKNDEDHAH
WTEAKMLLDNIYTPEGIIPTLFGPEREKTQAIDGEFRLRGEQRKTFVELMRRGDLPVWLSYKVASAGISYKDREWCFTGE
RNNQILEENMEVEIWTREGEKKKLRPKWLDARVYADPMALKDFKEFASGRK
;
_entity_poly.pdbx_strand_id   A
#
loop_
_chem_comp.id
_chem_comp.type
_chem_comp.name
_chem_comp.formula
CL non-polymer 'CHLORIDE ION' 'Cl -1'
GOL non-polymer GLYCEROL 'C3 H8 O3'
#
# COMPACT_ATOMS: atom_id res chain seq x y z
N GLY A 1 11.37 44.49 7.17
CA GLY A 1 10.99 43.75 5.99
C GLY A 1 10.62 42.30 6.25
N SER A 2 9.96 41.68 5.27
CA SER A 2 9.56 40.29 5.39
C SER A 2 9.48 39.66 4.01
N ALA A 3 9.40 38.33 4.01
CA ALA A 3 9.25 37.55 2.80
C ALA A 3 7.80 37.13 2.65
N MET A 4 7.31 37.15 1.41
CA MET A 4 5.90 36.87 1.16
C MET A 4 5.50 35.51 1.74
N GLY A 5 6.22 34.46 1.39
CA GLY A 5 5.86 33.14 1.88
C GLY A 5 4.62 32.58 1.19
N GLU A 6 4.34 31.33 1.48
CA GLU A 6 3.22 30.65 0.89
C GLU A 6 1.97 31.35 1.31
N PRO A 7 1.16 31.73 0.34
CA PRO A 7 -0.09 32.43 0.62
C PRO A 7 -1.11 31.49 1.17
N ASP A 8 -2.06 32.05 1.87
CA ASP A 8 -3.08 31.24 2.45
C ASP A 8 -3.90 30.58 1.39
N TYR A 9 -4.24 29.33 1.64
CA TYR A 9 -4.94 28.55 0.67
C TYR A 9 -6.42 28.68 0.75
N GLU A 10 -6.97 29.31 -0.26
CA GLU A 10 -8.42 29.43 -0.36
C GLU A 10 -8.99 28.14 -0.95
N VAL A 11 -9.99 27.60 -0.29
CA VAL A 11 -10.55 26.31 -0.68
C VAL A 11 -11.62 26.52 -1.74
N ASP A 12 -11.58 25.71 -2.79
CA ASP A 12 -12.63 25.77 -3.79
C ASP A 12 -13.91 25.14 -3.24
N GLU A 13 -14.96 25.95 -3.06
CA GLU A 13 -16.24 25.46 -2.59
C GLU A 13 -16.60 24.13 -3.25
N ASP A 14 -16.17 23.93 -4.50
CA ASP A 14 -16.52 22.73 -5.23
C ASP A 14 -16.08 21.45 -4.52
N ILE A 15 -14.97 21.49 -3.78
CA ILE A 15 -14.46 20.22 -3.28
C ILE A 15 -15.37 19.65 -2.20
N PHE A 16 -16.21 20.48 -1.57
CA PHE A 16 -17.14 20.01 -0.54
C PHE A 16 -18.51 19.60 -1.07
N ARG A 17 -18.72 19.63 -2.38
CA ARG A 17 -20.03 19.32 -2.95
C ARG A 17 -20.25 17.83 -3.02
N LYS A 18 -21.42 17.40 -2.55
CA LYS A 18 -21.80 16.00 -2.73
CA LYS A 18 -21.83 16.00 -2.73
C LYS A 18 -21.78 15.65 -4.20
N LYS A 19 -21.37 14.43 -4.51
CA LYS A 19 -21.21 13.92 -5.85
C LYS A 19 -19.93 14.41 -6.52
N ARG A 20 -19.19 15.29 -5.87
CA ARG A 20 -17.92 15.71 -6.41
C ARG A 20 -16.76 14.90 -5.85
N LEU A 21 -15.97 14.33 -6.75
CA LEU A 21 -14.77 13.59 -6.38
C LEU A 21 -13.59 14.33 -6.98
N THR A 22 -12.83 14.99 -6.12
CA THR A 22 -11.73 15.84 -6.57
C THR A 22 -10.41 15.09 -6.51
N ILE A 23 -9.62 15.23 -7.56
CA ILE A 23 -8.28 14.64 -7.65
C ILE A 23 -7.28 15.78 -7.57
N MET A 24 -6.41 15.77 -6.56
CA MET A 24 -5.39 16.81 -6.50
C MET A 24 -4.02 16.20 -6.19
N ASP A 25 -2.97 17.02 -6.35
CA ASP A 25 -1.59 16.62 -6.10
C ASP A 25 -0.94 17.66 -5.19
N LEU A 26 -0.42 17.23 -4.04
CA LEU A 26 0.18 18.17 -3.09
C LEU A 26 1.59 18.61 -3.49
N HIS A 27 2.26 17.93 -4.46
CA HIS A 27 3.54 18.43 -4.97
C HIS A 27 4.56 18.57 -3.85
N PRO A 28 4.72 17.61 -2.98
CA PRO A 28 5.59 17.80 -1.84
C PRO A 28 7.08 18.05 -2.07
N GLY A 29 7.71 18.70 -1.09
CA GLY A 29 9.11 19.05 -1.09
C GLY A 29 9.54 20.40 -1.58
N ALA A 30 8.63 21.19 -2.10
CA ALA A 30 8.95 22.53 -2.53
C ALA A 30 8.55 23.58 -1.53
N GLY A 31 8.08 23.14 -0.38
CA GLY A 31 7.67 24.04 0.65
C GLY A 31 6.59 24.98 0.18
N LYS A 32 5.68 24.53 -0.65
CA LYS A 32 4.63 25.40 -1.12
C LYS A 32 3.23 24.91 -0.80
N THR A 33 3.11 23.71 -0.27
CA THR A 33 1.80 23.12 -0.05
C THR A 33 1.49 22.63 1.35
N LYS A 34 2.18 23.19 2.30
CA LYS A 34 2.10 22.90 3.73
C LYS A 34 0.71 23.15 4.31
N ARG A 35 0.04 24.18 3.83
CA ARG A 35 -1.21 24.68 4.36
C ARG A 35 -2.43 24.04 3.73
N ILE A 36 -2.27 23.23 2.67
CA ILE A 36 -3.40 22.72 1.91
C ILE A 36 -4.29 21.87 2.79
N LEU A 37 -3.78 20.72 3.23
CA LEU A 37 -4.59 19.84 4.08
C LEU A 37 -5.10 20.56 5.32
N PRO A 38 -4.28 21.30 6.09
CA PRO A 38 -4.84 22.05 7.21
C PRO A 38 -5.96 23.02 6.80
N SER A 39 -5.84 23.66 5.63
CA SER A 39 -6.89 24.57 5.19
C SER A 39 -8.17 23.81 4.88
N ILE A 40 -8.05 22.69 4.15
CA ILE A 40 -9.22 21.88 3.83
C ILE A 40 -9.93 21.42 5.09
N VAL A 41 -9.17 20.99 6.11
CA VAL A 41 -9.80 20.46 7.31
C VAL A 41 -10.49 21.57 8.10
N ARG A 42 -9.78 22.70 8.31
CA ARG A 42 -10.42 23.84 8.96
C ARG A 42 -11.68 24.27 8.24
N GLU A 43 -11.64 24.35 6.90
CA GLU A 43 -12.84 24.72 6.16
C GLU A 43 -13.93 23.67 6.30
N ALA A 44 -13.54 22.39 6.33
CA ALA A 44 -14.54 21.33 6.48
C ALA A 44 -15.23 21.44 7.82
N LEU A 45 -14.49 21.69 8.87
CA LEU A 45 -15.01 21.85 10.20
C LEU A 45 -15.94 23.05 10.24
N LYS A 46 -15.60 24.10 9.51
CA LYS A 46 -16.41 25.29 9.41
C LYS A 46 -17.78 25.00 8.82
N ARG A 47 -17.85 24.09 7.88
CA ARG A 47 -19.06 23.72 7.27
C ARG A 47 -19.74 22.61 8.05
N ARG A 48 -19.21 22.24 9.20
CA ARG A 48 -19.84 21.21 10.04
C ARG A 48 -19.92 19.85 9.33
N LEU A 49 -18.95 19.53 8.46
CA LEU A 49 -18.97 18.25 7.79
C LEU A 49 -18.36 17.16 8.69
N ARG A 50 -18.77 15.92 8.46
CA ARG A 50 -18.20 14.77 9.17
C ARG A 50 -17.06 14.22 8.33
N THR A 51 -15.84 14.44 8.78
CA THR A 51 -14.66 14.32 7.93
C THR A 51 -13.83 13.09 8.29
N LEU A 52 -13.37 12.41 7.25
CA LEU A 52 -12.48 11.27 7.37
C LEU A 52 -11.21 11.56 6.56
N ILE A 53 -10.05 11.37 7.18
CA ILE A 53 -8.76 11.44 6.48
C ILE A 53 -8.15 10.05 6.47
N LEU A 54 -7.79 9.56 5.27
CA LEU A 54 -7.23 8.22 5.12
C LEU A 54 -5.76 8.34 4.72
N ALA A 55 -4.89 7.84 5.57
CA ALA A 55 -3.46 7.81 5.30
C ALA A 55 -3.05 6.40 4.84
N PRO A 56 -2.06 6.27 3.96
CA PRO A 56 -1.73 4.95 3.44
C PRO A 56 -1.00 4.08 4.45
N THR A 57 -0.22 4.69 5.35
CA THR A 57 0.58 4.00 6.37
C THR A 57 0.50 4.75 7.70
N ARG A 58 0.87 4.06 8.79
CA ARG A 58 0.88 4.71 10.11
C ARG A 58 1.85 5.90 10.12
N VAL A 59 3.01 5.75 9.48
CA VAL A 59 3.96 6.84 9.42
C VAL A 59 3.31 8.10 8.86
N VAL A 60 2.61 7.97 7.73
CA VAL A 60 1.98 9.16 7.17
C VAL A 60 0.87 9.67 8.09
N ALA A 61 0.13 8.76 8.73
CA ALA A 61 -0.85 9.22 9.70
C ALA A 61 -0.20 10.11 10.75
N ALA A 62 0.93 9.66 11.30
CA ALA A 62 1.59 10.40 12.37
C ALA A 62 2.07 11.76 11.86
N GLU A 63 2.61 11.79 10.64
CA GLU A 63 3.00 13.06 10.05
C GLU A 63 1.81 14.00 9.90
N MET A 64 0.66 13.46 9.49
CA MET A 64 -0.51 14.32 9.35
C MET A 64 -0.94 14.89 10.69
N GLU A 65 -0.93 14.08 11.74
CA GLU A 65 -1.31 14.58 13.06
C GLU A 65 -0.47 15.79 13.46
N GLU A 66 0.85 15.70 13.26
CA GLU A 66 1.71 16.84 13.55
C GLU A 66 1.35 18.02 12.67
N ALA A 67 1.15 17.78 11.37
CA ALA A 67 0.75 18.87 10.47
C ALA A 67 -0.58 19.49 10.88
N LEU A 68 -1.45 18.70 11.53
CA LEU A 68 -2.77 19.17 11.88
C LEU A 68 -2.88 19.53 13.36
N ARG A 69 -1.75 19.67 14.05
CA ARG A 69 -1.80 19.98 15.47
C ARG A 69 -2.67 21.20 15.70
N GLY A 70 -3.44 21.16 16.79
CA GLY A 70 -4.38 22.20 17.08
C GLY A 70 -5.78 21.92 16.55
N LEU A 71 -5.88 21.23 15.42
CA LEU A 71 -7.18 20.81 14.94
C LEU A 71 -7.67 19.58 15.70
N PRO A 72 -9.03 19.36 15.76
CA PRO A 72 -9.57 18.24 16.56
C PRO A 72 -9.49 16.91 15.81
N ILE A 73 -8.30 16.36 15.79
CA ILE A 73 -7.97 15.15 15.03
C ILE A 73 -7.94 13.96 15.98
N ARG A 74 -8.55 12.85 15.57
CA ARG A 74 -8.54 11.66 16.40
C ARG A 74 -8.05 10.47 15.57
N TYR A 75 -6.83 10.01 15.86
CA TYR A 75 -6.31 8.82 15.20
C TYR A 75 -7.09 7.59 15.63
N GLN A 76 -7.49 6.76 14.65
CA GLN A 76 -8.26 5.54 14.88
C GLN A 76 -7.42 4.32 14.53
N THR A 77 -7.26 3.37 15.53
CA THR A 77 -6.53 2.13 15.29
C THR A 77 -7.49 1.06 14.79
N PRO A 78 -6.94 0.10 14.04
CA PRO A 78 -7.74 -1.07 13.64
C PRO A 78 -8.10 -2.00 14.79
N ALA A 79 -7.48 -1.84 15.97
CA ALA A 79 -7.86 -2.59 17.17
C ALA A 79 -9.24 -2.18 17.69
N VAL A 80 -9.76 -1.07 17.22
CA VAL A 80 -11.08 -0.56 17.59
C VAL A 80 -11.97 -0.61 16.35
N LYS A 81 -13.17 -1.16 16.49
CA LYS A 81 -14.07 -1.24 15.35
C LYS A 81 -14.87 0.04 15.12
N SER A 82 -15.06 0.86 16.15
CA SER A 82 -15.74 2.13 15.95
C SER A 82 -15.53 2.97 17.20
N ASP A 83 -15.58 4.29 17.01
CA ASP A 83 -15.17 5.22 18.06
C ASP A 83 -15.96 6.51 17.83
N HIS A 84 -17.09 6.62 18.51
CA HIS A 84 -17.99 7.73 18.30
C HIS A 84 -17.96 8.62 19.53
N THR A 85 -17.51 9.86 19.36
CA THR A 85 -17.59 10.87 20.39
C THR A 85 -18.86 11.69 20.21
N GLY A 86 -19.21 12.45 21.23
CA GLY A 86 -20.33 13.34 20.98
C GLY A 86 -19.96 14.61 20.25
N ARG A 87 -18.70 14.77 19.88
CA ARG A 87 -18.07 16.07 19.68
C ARG A 87 -17.70 16.29 18.21
N GLU A 88 -17.21 17.49 17.92
CA GLU A 88 -16.69 17.83 16.62
C GLU A 88 -15.28 17.26 16.47
N ILE A 89 -15.12 16.24 15.64
CA ILE A 89 -13.89 15.47 15.54
C ILE A 89 -13.64 15.08 14.08
N VAL A 90 -12.39 15.02 13.69
CA VAL A 90 -11.98 14.48 12.40
C VAL A 90 -11.31 13.15 12.67
N ASP A 91 -11.86 12.08 12.08
CA ASP A 91 -11.24 10.77 12.18
C ASP A 91 -10.07 10.66 11.20
N LEU A 92 -8.94 10.18 11.70
CA LEU A 92 -7.75 9.89 10.91
C LEU A 92 -7.45 8.41 11.03
N MET A 93 -7.22 7.73 9.90
CA MET A 93 -6.92 6.31 9.97
C MET A 93 -6.25 5.84 8.67
N CYS A 94 -5.74 4.61 8.71
CA CYS A 94 -5.12 4.02 7.54
C CYS A 94 -6.18 3.57 6.54
N HIS A 95 -5.83 3.61 5.25
CA HIS A 95 -6.70 3.05 4.22
C HIS A 95 -7.25 1.73 4.71
N ALA A 96 -6.36 0.84 5.16
CA ALA A 96 -6.75 -0.52 5.54
C ALA A 96 -7.65 -0.54 6.77
N THR A 97 -7.48 0.41 7.68
CA THR A 97 -8.34 0.50 8.84
C THR A 97 -9.78 0.82 8.44
N PHE A 98 -9.96 1.76 7.51
CA PHE A 98 -11.30 2.08 7.02
C PHE A 98 -11.98 0.85 6.45
N THR A 99 -11.31 0.17 5.51
CA THR A 99 -11.85 -1.05 4.93
C THR A 99 -12.12 -2.10 5.99
N THR A 100 -11.23 -2.26 6.96
CA THR A 100 -11.46 -3.28 7.96
C THR A 100 -12.70 -2.95 8.79
N ARG A 101 -12.93 -1.67 9.11
CA ARG A 101 -14.10 -1.30 9.90
C ARG A 101 -15.38 -1.51 9.11
N LEU A 102 -15.36 -1.17 7.83
CA LEU A 102 -16.50 -1.43 6.95
C LEU A 102 -16.83 -2.91 6.88
N LEU A 103 -15.90 -3.78 7.25
CA LEU A 103 -16.14 -5.22 7.19
C LEU A 103 -16.61 -5.81 8.51
N SER A 104 -16.37 -5.14 9.64
CA SER A 104 -16.64 -5.75 10.93
C SER A 104 -17.51 -4.88 11.85
N SER A 105 -18.17 -3.85 11.34
CA SER A 105 -18.94 -2.95 12.18
C SER A 105 -20.11 -2.42 11.39
N THR A 106 -21.25 -2.33 12.04
CA THR A 106 -22.42 -1.74 11.44
C THR A 106 -22.48 -0.25 11.81
N ARG A 107 -21.48 0.22 12.54
CA ARG A 107 -21.44 1.56 13.03
C ARG A 107 -20.51 2.55 12.34
N VAL A 108 -20.05 2.24 11.14
CA VAL A 108 -19.20 3.18 10.48
C VAL A 108 -20.02 4.43 10.21
N PRO A 109 -19.51 5.59 10.60
CA PRO A 109 -20.29 6.81 10.42
C PRO A 109 -20.48 7.14 8.95
N ASN A 110 -21.45 8.02 8.71
CA ASN A 110 -21.75 8.52 7.37
C ASN A 110 -20.94 9.79 7.13
N TYR A 111 -19.63 9.61 7.00
CA TYR A 111 -18.75 10.70 6.59
C TYR A 111 -19.28 11.31 5.31
N ASN A 112 -19.36 12.63 5.25
CA ASN A 112 -19.73 13.28 4.00
C ASN A 112 -18.57 14.02 3.33
N LEU A 113 -17.38 14.03 3.94
CA LEU A 113 -16.16 14.49 3.27
C LEU A 113 -15.06 13.51 3.63
N ILE A 114 -14.47 12.89 2.61
CA ILE A 114 -13.46 11.86 2.77
C ILE A 114 -12.23 12.25 1.96
N VAL A 115 -11.11 12.43 2.65
CA VAL A 115 -9.85 12.78 2.01
C VAL A 115 -8.98 11.54 2.02
N MET A 116 -8.57 11.08 0.84
CA MET A 116 -7.70 9.91 0.75
C MET A 116 -6.33 10.34 0.27
N ASP A 117 -5.34 10.27 1.16
CA ASP A 117 -3.96 10.61 0.81
C ASP A 117 -3.29 9.43 0.10
N GLU A 118 -2.38 9.76 -0.82
CA GLU A 118 -1.72 8.75 -1.65
CA GLU A 118 -1.72 8.76 -1.66
C GLU A 118 -2.74 7.76 -2.19
N ALA A 119 -3.77 8.30 -2.85
CA ALA A 119 -4.90 7.57 -3.40
C ALA A 119 -4.52 6.69 -4.58
N HIS A 120 -3.26 6.59 -4.98
CA HIS A 120 -2.88 5.62 -6.00
C HIS A 120 -2.58 4.22 -5.44
N PHE A 121 -2.42 4.09 -4.13
CA PHE A 121 -2.05 2.83 -3.48
C PHE A 121 -2.90 1.68 -4.01
N THR A 122 -2.27 0.64 -4.56
CA THR A 122 -3.05 -0.45 -5.13
C THR A 122 -3.15 -1.68 -4.24
N ALA A 123 -2.78 -1.56 -2.96
CA ALA A 123 -3.14 -2.60 -2.01
C ALA A 123 -4.63 -2.89 -2.10
N PRO A 124 -5.04 -4.16 -2.02
CA PRO A 124 -6.49 -4.49 -2.14
C PRO A 124 -7.38 -3.65 -1.24
N CYS A 125 -7.01 -3.47 0.03
CA CYS A 125 -7.84 -2.67 0.93
CA CYS A 125 -7.87 -2.67 0.91
C CYS A 125 -7.94 -1.22 0.47
N SER A 126 -6.90 -0.72 -0.20
CA SER A 126 -6.93 0.65 -0.72
C SER A 126 -7.83 0.73 -1.95
N VAL A 127 -7.66 -0.21 -2.89
CA VAL A 127 -8.56 -0.31 -4.03
C VAL A 127 -10.01 -0.45 -3.56
N ALA A 128 -10.22 -1.23 -2.50
CA ALA A 128 -11.58 -1.39 -2.00
C ALA A 128 -12.10 -0.10 -1.37
N ALA A 129 -11.27 0.57 -0.58
CA ALA A 129 -11.71 1.84 -0.01
C ALA A 129 -12.13 2.81 -1.11
N ARG A 130 -11.42 2.81 -2.25
CA ARG A 130 -11.73 3.76 -3.30
C ARG A 130 -13.09 3.46 -3.92
N GLY A 131 -13.37 2.19 -4.19
CA GLY A 131 -14.69 1.82 -4.64
C GLY A 131 -15.77 2.31 -3.70
N TYR A 132 -15.67 1.94 -2.42
CA TYR A 132 -16.67 2.38 -1.44
C TYR A 132 -16.80 3.89 -1.47
N ILE A 133 -15.68 4.60 -1.43
CA ILE A 133 -15.72 6.05 -1.39
C ILE A 133 -16.44 6.60 -2.62
N SER A 134 -16.08 6.13 -3.81
CA SER A 134 -16.69 6.70 -5.00
C SER A 134 -18.14 6.31 -5.13
N THR A 135 -18.51 5.11 -4.67
CA THR A 135 -19.92 4.75 -4.57
C THR A 135 -20.66 5.74 -3.68
N ARG A 136 -20.12 6.03 -2.50
CA ARG A 136 -20.82 6.98 -1.65
C ARG A 136 -20.90 8.34 -2.31
N VAL A 137 -19.90 8.70 -3.12
CA VAL A 137 -19.92 10.00 -3.78
C VAL A 137 -21.00 10.03 -4.86
N GLU A 138 -21.07 8.97 -5.67
CA GLU A 138 -22.06 8.92 -6.75
C GLU A 138 -23.50 8.93 -6.21
N MET A 139 -23.71 8.42 -5.01
CA MET A 139 -25.01 8.45 -4.34
C MET A 139 -25.37 9.83 -3.82
N GLY A 140 -24.55 10.85 -4.04
CA GLY A 140 -24.84 12.12 -3.42
C GLY A 140 -24.69 12.13 -1.92
N GLU A 141 -24.10 11.09 -1.34
CA GLU A 141 -23.91 11.08 0.11
C GLU A 141 -22.63 11.75 0.57
N ALA A 142 -21.63 11.94 -0.30
CA ALA A 142 -20.36 12.47 0.19
C ALA A 142 -19.64 13.24 -0.91
N ALA A 143 -18.71 14.09 -0.48
CA ALA A 143 -17.65 14.62 -1.32
C ALA A 143 -16.35 13.93 -0.93
N ALA A 144 -15.49 13.65 -1.92
CA ALA A 144 -14.22 12.97 -1.68
C ALA A 144 -13.08 13.68 -2.40
N ILE A 145 -11.90 13.58 -1.83
CA ILE A 145 -10.69 14.14 -2.44
C ILE A 145 -9.64 13.04 -2.46
N PHE A 146 -9.17 12.68 -3.67
CA PHE A 146 -8.09 11.73 -3.86
C PHE A 146 -6.82 12.53 -4.12
N MET A 147 -5.89 12.50 -3.18
CA MET A 147 -4.61 13.18 -3.32
C MET A 147 -3.58 12.17 -3.78
N THR A 148 -2.93 12.46 -4.92
CA THR A 148 -1.88 11.60 -5.47
C THR A 148 -1.34 12.27 -6.73
N ALA A 149 -0.08 12.01 -7.05
CA ALA A 149 0.48 12.50 -8.30
C ALA A 149 0.17 11.57 -9.47
N THR A 150 -0.28 10.33 -9.22
CA THR A 150 -0.54 9.34 -10.27
C THR A 150 -1.92 8.72 -10.05
N PRO A 151 -2.99 9.44 -10.35
CA PRO A 151 -4.32 8.91 -10.06
C PRO A 151 -4.60 7.68 -10.87
N PRO A 152 -5.46 6.78 -10.39
CA PRO A 152 -5.75 5.54 -11.11
C PRO A 152 -6.07 5.82 -12.58
N GLY A 153 -5.45 5.03 -13.46
CA GLY A 153 -5.56 5.21 -14.88
C GLY A 153 -4.41 5.96 -15.54
N SER A 154 -3.65 6.72 -14.77
CA SER A 154 -2.53 7.41 -15.34
C SER A 154 -1.48 6.46 -15.89
N ILE A 155 -0.91 6.91 -16.98
CA ILE A 155 0.03 6.15 -17.72
C ILE A 155 1.33 6.82 -18.11
N ASP A 156 1.69 7.89 -17.42
CA ASP A 156 2.85 8.62 -17.76
C ASP A 156 4.00 8.36 -16.81
N PRO A 157 5.06 7.77 -17.32
CA PRO A 157 6.19 7.49 -16.41
C PRO A 157 7.08 8.69 -16.11
N PHE A 158 6.94 9.79 -16.84
CA PHE A 158 7.82 10.95 -16.67
C PHE A 158 6.99 12.20 -16.45
N PRO A 159 6.11 12.22 -15.45
CA PRO A 159 5.26 13.41 -15.26
C PRO A 159 6.05 14.62 -14.78
N GLN A 160 5.37 15.70 -14.51
CA GLN A 160 5.97 16.93 -14.05
C GLN A 160 6.64 16.75 -12.70
N SER A 161 7.68 17.50 -12.45
CA SER A 161 8.34 17.57 -11.19
C SER A 161 8.58 19.02 -10.75
N ASN A 162 8.72 19.23 -9.46
CA ASN A 162 8.99 20.55 -8.93
C ASN A 162 10.30 21.13 -9.43
N SER A 163 11.32 20.30 -9.59
CA SER A 163 12.64 20.72 -10.00
C SER A 163 13.06 19.84 -11.15
N PRO A 164 14.01 20.27 -11.99
CA PRO A 164 14.27 19.40 -13.15
C PRO A 164 14.89 18.07 -12.77
N ILE A 165 14.61 17.04 -13.52
CA ILE A 165 15.19 15.74 -13.30
C ILE A 165 15.99 15.32 -14.49
N GLU A 166 17.15 14.76 -14.25
CA GLU A 166 17.91 14.16 -15.30
C GLU A 166 17.58 12.69 -15.38
N ASP A 167 16.87 12.31 -16.42
CA ASP A 167 16.51 10.94 -16.66
C ASP A 167 17.57 10.21 -17.46
N ILE A 168 18.19 9.24 -16.83
CA ILE A 168 19.32 8.54 -17.36
C ILE A 168 19.04 7.06 -17.49
N GLU A 169 19.14 6.56 -18.71
CA GLU A 169 18.84 5.17 -19.00
C GLU A 169 20.16 4.46 -19.18
N ARG A 170 20.43 3.48 -18.31
CA ARG A 170 21.67 2.73 -18.39
C ARG A 170 21.45 1.40 -17.68
N GLU A 171 22.39 0.49 -17.87
CA GLU A 171 22.27 -0.84 -17.29
C GLU A 171 22.43 -0.76 -15.78
N ILE A 172 21.58 -1.49 -15.07
CA ILE A 172 21.55 -1.49 -13.61
C ILE A 172 21.69 -2.92 -13.14
N PRO A 173 22.57 -3.23 -12.20
CA PRO A 173 22.73 -4.63 -11.79
C PRO A 173 21.49 -5.11 -11.03
N GLU A 174 21.10 -6.35 -11.30
CA GLU A 174 20.00 -7.02 -10.61
C GLU A 174 20.48 -7.88 -9.46
N ARG A 175 21.79 -8.07 -9.33
CA ARG A 175 22.37 -8.89 -8.29
C ARG A 175 23.71 -8.26 -7.94
N SER A 176 24.35 -8.76 -6.89
CA SER A 176 25.66 -8.22 -6.53
C SER A 176 26.58 -8.23 -7.74
N TRP A 177 27.45 -7.24 -7.79
CA TRP A 177 28.42 -7.06 -8.85
C TRP A 177 29.77 -6.88 -8.20
N ASN A 178 30.83 -7.05 -8.95
CA ASN A 178 32.12 -6.70 -8.45
C ASN A 178 32.92 -5.76 -9.29
N THR A 179 32.39 -5.37 -10.44
CA THR A 179 33.11 -4.47 -11.29
C THR A 179 32.17 -4.00 -12.35
N GLY A 180 32.46 -2.88 -12.98
CA GLY A 180 31.68 -2.39 -14.10
C GLY A 180 30.52 -1.44 -13.87
N PHE A 181 30.29 -1.04 -12.65
CA PHE A 181 29.24 -0.11 -12.30
C PHE A 181 29.77 0.94 -11.33
N ASP A 182 30.91 1.55 -11.70
CA ASP A 182 31.58 2.50 -10.81
C ASP A 182 30.68 3.68 -10.51
N TRP A 183 29.85 4.06 -11.48
CA TRP A 183 28.98 5.21 -11.30
C TRP A 183 28.07 5.04 -10.09
N ILE A 184 27.78 3.81 -9.69
CA ILE A 184 26.87 3.58 -8.56
C ILE A 184 27.52 4.03 -7.26
N THR A 185 28.75 3.60 -7.01
CA THR A 185 29.41 3.88 -5.74
C THR A 185 30.25 5.14 -5.75
N ASP A 186 30.61 5.66 -6.94
CA ASP A 186 31.32 6.92 -7.05
C ASP A 186 30.44 8.12 -6.74
N TYR A 187 29.15 8.04 -7.08
CA TYR A 187 28.22 9.13 -6.77
C TYR A 187 28.34 9.54 -5.31
N GLN A 188 28.35 10.84 -5.06
CA GLN A 188 28.60 11.34 -3.71
C GLN A 188 27.33 11.67 -2.92
N GLY A 189 26.14 11.63 -3.54
CA GLY A 189 24.91 11.93 -2.84
C GLY A 189 24.28 10.71 -2.20
N LYS A 190 23.02 10.86 -1.84
CA LYS A 190 22.21 9.78 -1.29
C LYS A 190 21.33 9.20 -2.39
N THR A 191 21.11 7.88 -2.34
CA THR A 191 20.39 7.19 -3.40
C THR A 191 19.24 6.35 -2.83
N VAL A 192 18.12 6.34 -3.56
CA VAL A 192 17.02 5.43 -3.29
C VAL A 192 16.98 4.43 -4.43
N TRP A 193 17.07 3.15 -4.08
CA TRP A 193 17.15 2.08 -5.06
C TRP A 193 15.98 1.14 -4.87
N PHE A 194 15.11 1.08 -5.87
CA PHE A 194 13.91 0.24 -5.82
C PHE A 194 14.25 -1.15 -6.34
N VAL A 195 14.05 -2.17 -5.50
CA VAL A 195 14.29 -3.56 -5.88
C VAL A 195 12.97 -4.29 -6.00
N PRO A 196 12.89 -5.39 -6.77
CA PRO A 196 11.61 -6.10 -6.92
C PRO A 196 11.21 -6.93 -5.71
N SER A 197 12.14 -7.27 -4.81
CA SER A 197 11.85 -8.17 -3.70
C SER A 197 12.83 -7.90 -2.57
N ILE A 198 12.48 -8.40 -1.38
CA ILE A 198 13.38 -8.31 -0.24
C ILE A 198 14.68 -9.04 -0.54
N LYS A 199 14.57 -10.24 -1.13
CA LYS A 199 15.76 -11.01 -1.46
C LYS A 199 16.72 -10.23 -2.35
N ALA A 200 16.20 -9.63 -3.43
CA ALA A 200 17.04 -8.80 -4.28
C ALA A 200 17.64 -7.66 -3.46
N GLY A 201 16.83 -6.99 -2.64
CA GLY A 201 17.34 -5.92 -1.81
C GLY A 201 18.49 -6.40 -0.93
N ASN A 202 18.33 -7.58 -0.33
CA ASN A 202 19.41 -8.14 0.50
C ASN A 202 20.70 -8.24 -0.30
N ASP A 203 20.64 -8.80 -1.51
CA ASP A 203 21.84 -8.93 -2.33
CA ASP A 203 21.84 -8.93 -2.32
C ASP A 203 22.44 -7.55 -2.62
N ILE A 204 21.64 -6.66 -3.19
CA ILE A 204 22.12 -5.31 -3.50
C ILE A 204 22.70 -4.65 -2.25
N ALA A 205 21.94 -4.67 -1.15
CA ALA A 205 22.40 -3.97 0.05
C ALA A 205 23.71 -4.53 0.58
N ASN A 206 23.86 -5.85 0.55
CA ASN A 206 25.11 -6.43 1.05
C ASN A 206 26.27 -6.07 0.13
N CYS A 207 26.05 -6.12 -1.18
CA CYS A 207 27.11 -5.66 -2.08
C CYS A 207 27.54 -4.24 -1.75
N LEU A 208 26.57 -3.33 -1.60
CA LEU A 208 26.88 -1.93 -1.29
C LEU A 208 27.61 -1.80 0.04
N ARG A 209 27.21 -2.59 1.03
CA ARG A 209 27.89 -2.54 2.31
C ARG A 209 29.34 -2.96 2.21
N LYS A 210 29.65 -3.91 1.32
CA LYS A 210 31.04 -4.35 1.19
C LYS A 210 31.96 -3.20 0.78
N SER A 211 31.43 -2.21 0.05
CA SER A 211 32.23 -1.05 -0.33
C SER A 211 32.29 -0.01 0.79
N GLY A 212 31.59 -0.23 1.88
CA GLY A 212 31.54 0.72 2.97
C GLY A 212 30.35 1.64 3.01
N LYS A 213 29.38 1.48 2.11
CA LYS A 213 28.20 2.35 2.13
C LYS A 213 27.30 2.00 3.32
N ARG A 214 26.64 3.02 3.86
CA ARG A 214 25.61 2.84 4.87
C ARG A 214 24.25 2.70 4.19
N VAL A 215 23.57 1.59 4.45
CA VAL A 215 22.38 1.19 3.70
C VAL A 215 21.24 0.92 4.68
N ILE A 216 20.12 1.59 4.48
CA ILE A 216 18.87 1.27 5.17
C ILE A 216 17.96 0.55 4.19
N GLN A 217 17.46 -0.61 4.60
CA GLN A 217 16.54 -1.37 3.75
C GLN A 217 15.12 -1.17 4.21
N LEU A 218 14.19 -1.18 3.26
CA LEU A 218 12.78 -0.97 3.53
C LEU A 218 11.97 -2.02 2.81
N SER A 219 11.01 -2.62 3.51
CA SER A 219 9.97 -3.42 2.90
C SER A 219 8.68 -3.17 3.68
N ARG A 220 7.59 -3.79 3.23
CA ARG A 220 6.29 -3.50 3.82
C ARG A 220 6.30 -3.72 5.34
N LYS A 221 6.95 -4.79 5.80
CA LYS A 221 6.84 -5.17 7.22
C LYS A 221 7.81 -4.39 8.09
N THR A 222 8.96 -3.97 7.55
CA THR A 222 9.94 -3.23 8.32
C THR A 222 9.74 -1.73 8.21
N PHE A 223 8.79 -1.28 7.38
CA PHE A 223 8.75 0.14 7.02
C PHE A 223 8.52 1.03 8.22
N ASP A 224 7.50 0.72 9.03
CA ASP A 224 7.19 1.57 10.17
CA ASP A 224 7.19 1.57 10.17
C ASP A 224 8.37 1.72 11.10
N THR A 225 9.21 0.67 11.22
CA THR A 225 10.42 0.75 12.04
C THR A 225 11.58 1.42 11.29
N GLU A 226 11.81 1.03 10.04
CA GLU A 226 13.03 1.45 9.37
C GLU A 226 12.91 2.82 8.73
N TYR A 227 11.76 3.16 8.16
CA TYR A 227 11.62 4.46 7.51
C TYR A 227 12.00 5.62 8.43
N PRO A 228 11.59 5.67 9.71
CA PRO A 228 12.00 6.78 10.56
C PRO A 228 13.51 6.95 10.63
N LYS A 229 14.28 5.87 10.51
CA LYS A 229 15.73 5.99 10.47
C LYS A 229 16.21 6.72 9.22
N THR A 230 15.53 6.56 8.09
CA THR A 230 15.96 7.29 6.90
C THR A 230 15.85 8.80 7.09
N LYS A 231 15.06 9.23 8.05
CA LYS A 231 14.92 10.66 8.30
C LYS A 231 16.12 11.22 9.05
N LEU A 232 17.02 10.37 9.53
CA LEU A 232 18.37 10.75 9.94
C LEU A 232 19.31 10.88 8.74
N THR A 233 20.30 11.75 8.89
CA THR A 233 21.20 12.12 7.79
C THR A 233 22.31 11.08 7.55
N ASP A 234 22.26 9.95 8.23
CA ASP A 234 23.40 9.04 8.22
C ASP A 234 23.14 7.83 7.32
N TRP A 235 23.13 8.10 6.01
CA TRP A 235 23.09 6.98 5.08
C TRP A 235 23.47 7.39 3.67
N ASP A 236 23.96 6.40 2.92
CA ASP A 236 24.26 6.54 1.51
C ASP A 236 23.14 6.03 0.60
N PHE A 237 22.55 4.88 0.93
CA PHE A 237 21.56 4.24 0.09
C PHE A 237 20.37 3.82 0.94
N VAL A 238 19.18 4.06 0.42
CA VAL A 238 17.99 3.37 0.85
C VAL A 238 17.71 2.32 -0.21
N VAL A 239 17.65 1.06 0.20
CA VAL A 239 17.26 -0.02 -0.69
C VAL A 239 15.85 -0.43 -0.27
N THR A 240 14.91 -0.29 -1.20
CA THR A 240 13.51 -0.39 -0.83
C THR A 240 12.75 -1.14 -1.91
N THR A 241 11.72 -1.86 -1.48
CA THR A 241 10.73 -2.41 -2.39
C THR A 241 9.74 -1.31 -2.74
N ASP A 242 8.70 -1.65 -3.48
CA ASP A 242 7.73 -0.63 -3.88
C ASP A 242 6.88 -0.10 -2.73
N ILE A 243 7.08 -0.53 -1.49
CA ILE A 243 6.35 0.12 -0.40
C ILE A 243 6.67 1.62 -0.39
N SER A 244 7.83 2.03 -0.89
CA SER A 244 8.17 3.44 -0.80
C SER A 244 7.57 4.26 -1.92
N GLU A 245 6.65 3.69 -2.71
CA GLU A 245 5.87 4.45 -3.67
C GLU A 245 4.70 5.23 -3.05
N MET A 246 4.46 5.11 -1.74
CA MET A 246 3.26 5.64 -1.07
C MET A 246 3.62 6.70 -0.01
N GLY A 247 4.11 7.85 -0.43
CA GLY A 247 4.30 8.95 0.50
C GLY A 247 5.64 9.00 1.22
N ALA A 248 6.50 8.01 1.01
CA ALA A 248 7.85 8.06 1.58
C ALA A 248 8.61 9.23 0.99
N ASN A 249 9.07 10.15 1.83
CA ASN A 249 9.88 11.28 1.41
C ASN A 249 11.32 11.05 1.86
N PHE A 250 12.26 11.31 0.97
CA PHE A 250 13.67 11.09 1.24
C PHE A 250 14.42 12.34 0.83
N ARG A 251 15.40 12.75 1.63
CA ARG A 251 16.24 13.88 1.22
C ARG A 251 17.41 13.30 0.41
N ALA A 252 17.12 12.97 -0.85
CA ALA A 252 18.05 12.23 -1.70
C ALA A 252 18.22 12.94 -3.04
N GLY A 253 19.32 12.65 -3.72
CA GLY A 253 19.60 13.30 -4.98
C GLY A 253 19.46 12.37 -6.16
N ARG A 254 19.31 11.07 -5.91
CA ARG A 254 19.30 10.11 -7.01
C ARG A 254 18.37 8.95 -6.69
N VAL A 255 17.66 8.49 -7.72
CA VAL A 255 16.90 7.26 -7.66
C VAL A 255 17.48 6.30 -8.68
N ILE A 256 17.69 5.06 -8.27
CA ILE A 256 18.07 3.98 -9.16
C ILE A 256 16.88 3.04 -9.25
N ASP A 257 16.42 2.78 -10.48
CA ASP A 257 15.17 2.07 -10.68
C ASP A 257 15.26 1.13 -11.87
N PRO A 258 15.59 -0.15 -11.63
CA PRO A 258 15.50 -1.12 -12.73
C PRO A 258 14.07 -1.43 -13.15
N ARG A 259 13.08 -0.77 -12.55
CA ARG A 259 11.70 -0.86 -13.02
C ARG A 259 11.20 -2.30 -13.01
N ARG A 260 11.55 -3.03 -11.95
CA ARG A 260 11.12 -4.42 -11.77
C ARG A 260 10.29 -4.56 -10.49
N CYS A 261 9.26 -5.39 -10.55
CA CYS A 261 8.52 -5.75 -9.37
C CYS A 261 8.10 -7.22 -9.48
N LEU A 262 7.63 -7.77 -8.36
CA LEU A 262 6.90 -9.04 -8.32
C LEU A 262 5.42 -8.74 -8.29
N LYS A 263 4.64 -9.62 -8.93
CA LYS A 263 3.20 -9.42 -9.02
C LYS A 263 2.48 -10.68 -8.57
N PRO A 264 1.61 -10.63 -7.56
CA PRO A 264 0.78 -11.81 -7.24
C PRO A 264 -0.23 -12.03 -8.35
N VAL A 265 -0.40 -13.30 -8.72
CA VAL A 265 -1.30 -13.71 -9.80
C VAL A 265 -2.10 -14.91 -9.33
N ILE A 266 -3.41 -14.87 -9.53
CA ILE A 266 -4.24 -16.04 -9.26
C ILE A 266 -4.17 -16.93 -10.50
N LEU A 267 -3.49 -18.06 -10.37
CA LEU A 267 -3.46 -19.05 -11.45
C LEU A 267 -4.70 -19.92 -11.36
N THR A 268 -5.39 -20.10 -12.49
CA THR A 268 -6.61 -20.89 -12.59
C THR A 268 -6.46 -22.14 -13.45
N ASP A 269 -5.24 -22.52 -13.80
CA ASP A 269 -5.00 -23.77 -14.52
C ASP A 269 -4.74 -24.85 -13.48
N GLY A 270 -5.77 -25.62 -13.16
CA GLY A 270 -5.67 -26.59 -12.10
C GLY A 270 -6.15 -25.99 -10.81
N PRO A 271 -5.64 -26.46 -9.68
CA PRO A 271 -6.06 -25.87 -8.41
C PRO A 271 -5.67 -24.40 -8.36
N GLU A 272 -6.62 -23.58 -8.01
CA GLU A 272 -6.36 -22.18 -7.92
C GLU A 272 -5.27 -21.94 -6.91
N ARG A 273 -4.36 -21.07 -7.28
CA ARG A 273 -3.25 -20.70 -6.44
C ARG A 273 -2.68 -19.31 -6.74
N VAL A 274 -1.97 -18.76 -5.79
CA VAL A 274 -1.34 -17.50 -6.03
C VAL A 274 0.16 -17.62 -6.03
N ILE A 275 0.76 -17.24 -7.13
CA ILE A 275 2.20 -17.16 -7.21
C ILE A 275 2.60 -15.69 -7.19
N LEU A 276 3.88 -15.46 -6.95
CA LEU A 276 4.51 -14.16 -7.12
C LEU A 276 5.24 -14.19 -8.45
N ALA A 277 4.57 -13.73 -9.49
CA ALA A 277 5.16 -13.74 -10.78
C ALA A 277 6.25 -12.71 -10.88
N GLY A 278 7.15 -12.97 -11.78
CA GLY A 278 8.21 -12.07 -12.02
C GLY A 278 9.61 -12.42 -11.63
N PRO A 279 10.57 -11.50 -11.65
CA PRO A 279 10.38 -10.04 -11.79
C PRO A 279 10.01 -9.52 -13.18
N ILE A 280 8.96 -8.74 -13.18
CA ILE A 280 8.40 -8.14 -14.34
C ILE A 280 8.46 -6.65 -14.23
N PRO A 281 8.39 -6.01 -15.37
CA PRO A 281 8.43 -4.56 -15.44
C PRO A 281 7.26 -3.91 -14.71
N VAL A 282 7.52 -2.78 -14.08
CA VAL A 282 6.48 -2.05 -13.36
C VAL A 282 5.54 -1.38 -14.36
N THR A 283 4.36 -0.97 -13.86
CA THR A 283 3.53 -0.03 -14.60
C THR A 283 4.19 1.34 -14.75
N PRO A 284 3.77 2.11 -15.74
CA PRO A 284 4.22 3.52 -15.82
C PRO A 284 3.88 4.36 -14.59
N ALA A 285 2.70 4.18 -13.97
CA ALA A 285 2.42 4.91 -12.74
C ALA A 285 3.44 4.57 -11.66
N SER A 286 3.79 3.30 -11.51
CA SER A 286 4.76 2.95 -10.49
C SER A 286 6.14 3.55 -10.81
N ALA A 287 6.56 3.49 -12.09
CA ALA A 287 7.80 4.14 -12.46
C ALA A 287 7.76 5.62 -12.12
N ALA A 288 6.62 6.27 -12.32
CA ALA A 288 6.48 7.70 -12.01
C ALA A 288 6.58 7.97 -10.51
N GLN A 289 6.04 7.07 -9.68
CA GLN A 289 6.13 7.26 -8.23
C GLN A 289 7.55 7.06 -7.71
N ARG A 290 8.24 6.04 -8.24
CA ARG A 290 9.65 5.84 -7.90
C ARG A 290 10.48 7.05 -8.28
N ARG A 291 10.39 7.46 -9.56
CA ARG A 291 11.11 8.66 -10.02
C ARG A 291 10.71 9.87 -9.20
N GLY A 292 9.44 9.92 -8.78
CA GLY A 292 8.92 11.05 -8.03
C GLY A 292 9.47 11.19 -6.63
N ARG A 293 10.27 10.22 -6.17
CA ARG A 293 11.01 10.43 -4.93
C ARG A 293 11.95 11.64 -5.02
N ILE A 294 12.41 12.03 -6.22
CA ILE A 294 13.40 13.10 -6.35
C ILE A 294 12.86 14.15 -7.31
N GLY A 295 13.68 15.17 -7.58
CA GLY A 295 13.17 16.31 -8.32
C GLY A 295 12.09 17.06 -7.57
N ARG A 296 12.10 17.00 -6.24
CA ARG A 296 11.10 17.65 -5.41
C ARG A 296 11.47 19.06 -4.98
N ASN A 297 12.74 19.40 -4.97
CA ASN A 297 13.16 20.66 -4.39
C ASN A 297 13.71 21.57 -5.48
N PRO A 298 13.01 22.67 -5.82
CA PRO A 298 13.44 23.49 -6.98
C PRO A 298 14.77 24.18 -6.79
N ALA A 299 15.30 24.24 -5.56
CA ALA A 299 16.61 24.81 -5.31
C ALA A 299 17.72 23.81 -5.55
N GLN A 300 17.36 22.54 -5.79
CA GLN A 300 18.32 21.45 -6.01
C GLN A 300 17.97 20.87 -7.38
N GLU A 301 18.71 21.27 -8.41
CA GLU A 301 18.32 21.09 -9.80
C GLU A 301 18.99 19.92 -10.51
N ASP A 302 19.85 19.16 -9.84
CA ASP A 302 20.63 18.14 -10.54
C ASP A 302 20.26 16.73 -10.10
N ASP A 303 19.03 16.53 -9.59
CA ASP A 303 18.59 15.19 -9.22
C ASP A 303 18.56 14.29 -10.45
N GLN A 304 18.76 13.01 -10.21
CA GLN A 304 18.92 12.01 -11.26
C GLN A 304 17.94 10.86 -11.07
N TYR A 305 17.29 10.46 -12.16
CA TYR A 305 16.50 9.23 -12.22
C TYR A 305 17.22 8.30 -13.18
N VAL A 306 17.90 7.29 -12.63
CA VAL A 306 18.62 6.29 -13.40
C VAL A 306 17.73 5.05 -13.51
N PHE A 307 17.37 4.67 -14.73
CA PHE A 307 16.41 3.61 -14.93
C PHE A 307 16.86 2.72 -16.07
N SER A 308 16.23 1.53 -16.14
CA SER A 308 16.52 0.55 -17.17
C SER A 308 15.21 -0.07 -17.64
N GLY A 309 15.01 -0.16 -18.95
CA GLY A 309 13.84 -0.84 -19.49
C GLY A 309 12.59 0.04 -19.51
N ASP A 310 11.57 -0.46 -20.19
CA ASP A 310 10.33 0.29 -20.29
C ASP A 310 9.25 -0.33 -19.41
N PRO A 311 8.28 0.49 -18.96
CA PRO A 311 7.18 -0.04 -18.13
C PRO A 311 6.23 -0.88 -18.96
N LEU A 312 5.41 -1.67 -18.28
CA LEU A 312 4.31 -2.41 -18.91
C LEU A 312 3.01 -1.99 -18.23
N LYS A 313 2.11 -1.41 -19.00
CA LYS A 313 0.94 -0.86 -18.34
C LYS A 313 -0.14 -1.90 -18.07
N ASN A 314 -0.15 -3.03 -18.77
CA ASN A 314 -1.22 -4.00 -18.58
C ASN A 314 -0.94 -4.82 -17.33
N ASP A 315 -1.74 -4.62 -16.28
CA ASP A 315 -1.61 -5.33 -15.02
C ASP A 315 -2.92 -6.00 -14.63
N GLU A 316 -3.76 -6.31 -15.63
CA GLU A 316 -5.10 -6.82 -15.34
C GLU A 316 -5.08 -8.21 -14.71
N ASP A 317 -3.97 -8.93 -14.77
CA ASP A 317 -3.90 -10.23 -14.11
C ASP A 317 -3.40 -10.11 -12.67
N HIS A 318 -3.20 -8.89 -12.18
CA HIS A 318 -2.79 -8.70 -10.79
C HIS A 318 -3.85 -9.27 -9.85
N ALA A 319 -3.41 -10.08 -8.88
CA ALA A 319 -4.34 -10.60 -7.89
C ALA A 319 -5.11 -9.51 -7.15
N HIS A 320 -4.54 -8.29 -7.05
CA HIS A 320 -5.16 -7.28 -6.19
C HIS A 320 -6.55 -6.88 -6.66
N TRP A 321 -6.81 -6.96 -7.97
CA TRP A 321 -8.11 -6.54 -8.47
C TRP A 321 -9.21 -7.49 -8.02
N THR A 322 -8.94 -8.79 -8.06
CA THR A 322 -9.89 -9.76 -7.54
C THR A 322 -10.02 -9.62 -6.02
N GLU A 323 -8.89 -9.46 -5.32
CA GLU A 323 -8.95 -9.31 -3.87
C GLU A 323 -9.73 -8.07 -3.49
N ALA A 324 -9.59 -6.99 -4.27
CA ALA A 324 -10.38 -5.80 -3.99
C ALA A 324 -11.88 -6.12 -4.04
N LYS A 325 -12.30 -6.89 -5.05
CA LYS A 325 -13.70 -7.30 -5.15
C LYS A 325 -14.10 -8.23 -3.99
N MET A 326 -13.20 -9.11 -3.55
CA MET A 326 -13.54 -9.92 -2.38
C MET A 326 -13.85 -9.06 -1.17
N LEU A 327 -13.13 -7.95 -1.00
CA LEU A 327 -13.45 -7.06 0.11
C LEU A 327 -14.74 -6.28 -0.17
N LEU A 328 -14.85 -5.70 -1.38
CA LEU A 328 -15.99 -4.85 -1.70
C LEU A 328 -17.31 -5.62 -1.58
N ASP A 329 -17.35 -6.83 -2.13
CA ASP A 329 -18.59 -7.61 -2.08
C ASP A 329 -18.99 -7.98 -0.69
N ASN A 330 -18.14 -7.73 0.29
CA ASN A 330 -18.46 -8.03 1.64
C ASN A 330 -18.68 -6.86 2.52
N ILE A 331 -18.86 -5.72 1.90
CA ILE A 331 -19.17 -4.51 2.60
C ILE A 331 -20.62 -4.26 2.23
N TYR A 332 -21.51 -4.09 3.19
CA TYR A 332 -22.93 -3.85 2.89
C TYR A 332 -23.29 -2.44 3.24
N THR A 333 -24.35 -1.93 2.64
CA THR A 333 -24.77 -0.56 2.90
C THR A 333 -26.21 -0.58 3.27
N PRO A 334 -26.65 0.43 4.02
CA PRO A 334 -28.07 0.36 4.39
C PRO A 334 -28.88 0.29 3.15
N GLU A 335 -28.45 1.09 2.19
CA GLU A 335 -29.09 1.12 0.91
C GLU A 335 -29.03 -0.27 0.36
N GLY A 336 -28.06 -1.07 0.78
CA GLY A 336 -28.02 -2.42 0.26
C GLY A 336 -27.45 -2.48 -1.13
N ILE A 337 -26.89 -1.36 -1.57
CA ILE A 337 -26.20 -1.28 -2.81
C ILE A 337 -24.86 -1.96 -2.54
N ILE A 338 -24.35 -2.70 -3.49
CA ILE A 338 -23.03 -3.24 -3.29
C ILE A 338 -22.16 -2.26 -4.03
N PRO A 339 -21.15 -1.73 -3.37
CA PRO A 339 -20.25 -0.71 -3.90
C PRO A 339 -19.44 -1.25 -5.03
N THR A 340 -19.12 -0.42 -5.99
CA THR A 340 -18.32 -0.88 -7.08
C THR A 340 -16.99 -0.15 -7.07
N LEU A 341 -16.03 -0.72 -7.76
CA LEU A 341 -14.71 -0.15 -7.94
C LEU A 341 -14.77 1.28 -8.47
N PHE A 342 -13.76 2.05 -8.17
CA PHE A 342 -13.62 3.40 -8.66
C PHE A 342 -13.59 3.29 -10.18
N GLY A 343 -14.16 4.25 -10.88
CA GLY A 343 -14.34 4.12 -12.31
C GLY A 343 -13.17 3.76 -13.18
N PRO A 344 -12.01 4.33 -12.99
CA PRO A 344 -10.85 3.99 -13.80
C PRO A 344 -10.37 2.60 -13.49
N GLU A 345 -10.80 2.02 -12.40
CA GLU A 345 -10.32 0.70 -12.03
C GLU A 345 -11.32 -0.40 -12.34
N ARG A 346 -12.51 -0.07 -12.84
CA ARG A 346 -13.50 -1.09 -13.14
C ARG A 346 -13.01 -2.06 -14.21
N GLU A 347 -12.28 -1.55 -15.21
CA GLU A 347 -11.79 -2.38 -16.30
C GLU A 347 -10.76 -3.41 -15.85
N LYS A 348 -10.27 -3.31 -14.61
CA LYS A 348 -9.24 -4.23 -14.18
C LYS A 348 -9.77 -5.63 -13.91
N THR A 349 -11.08 -5.79 -13.74
CA THR A 349 -11.62 -7.12 -13.46
C THR A 349 -12.98 -7.29 -14.13
N GLN A 350 -13.23 -8.52 -14.60
CA GLN A 350 -14.51 -8.89 -15.17
C GLN A 350 -15.44 -9.55 -14.17
N ALA A 351 -15.05 -9.60 -12.89
CA ALA A 351 -15.90 -10.23 -11.87
C ALA A 351 -17.25 -9.52 -11.77
N ILE A 352 -18.31 -10.32 -11.63
CA ILE A 352 -19.66 -9.77 -11.47
C ILE A 352 -19.85 -9.28 -10.05
N ASP A 353 -20.40 -8.08 -9.90
CA ASP A 353 -20.55 -7.49 -8.58
C ASP A 353 -21.39 -8.40 -7.68
N GLY A 354 -20.85 -8.73 -6.51
CA GLY A 354 -21.51 -9.55 -5.53
C GLY A 354 -21.08 -11.01 -5.52
N GLU A 355 -20.35 -11.46 -6.53
CA GLU A 355 -20.08 -12.88 -6.66
C GLU A 355 -19.23 -13.43 -5.53
N PHE A 356 -18.55 -12.58 -4.78
CA PHE A 356 -17.73 -13.02 -3.66
C PHE A 356 -18.39 -12.79 -2.34
N ARG A 357 -19.62 -12.37 -2.34
CA ARG A 357 -20.29 -12.11 -1.10
C ARG A 357 -20.40 -13.35 -0.23
N LEU A 358 -20.17 -13.18 1.06
CA LEU A 358 -20.19 -14.26 1.99
C LEU A 358 -21.23 -13.98 3.05
N ARG A 359 -21.69 -15.04 3.68
CA ARG A 359 -22.77 -14.95 4.62
C ARG A 359 -22.46 -15.44 6.00
N GLY A 360 -22.89 -14.69 6.99
CA GLY A 360 -22.85 -15.18 8.35
C GLY A 360 -21.50 -15.53 8.92
N GLU A 361 -21.38 -16.72 9.48
CA GLU A 361 -20.11 -17.07 10.11
C GLU A 361 -18.96 -16.97 9.12
N GLN A 362 -19.17 -17.41 7.88
CA GLN A 362 -18.10 -17.36 6.89
C GLN A 362 -17.57 -15.94 6.74
N ARG A 363 -18.47 -14.94 6.72
CA ARG A 363 -18.03 -13.56 6.55
C ARG A 363 -17.13 -13.12 7.70
N LYS A 364 -17.49 -13.44 8.94
CA LYS A 364 -16.67 -12.99 10.06
C LYS A 364 -15.36 -13.77 10.11
N THR A 365 -15.39 -15.04 9.70
CA THR A 365 -14.16 -15.79 9.59
C THR A 365 -13.20 -15.14 8.58
N PHE A 366 -13.69 -14.87 7.37
CA PHE A 366 -12.97 -14.09 6.37
C PHE A 366 -12.29 -12.87 6.98
N VAL A 367 -13.09 -12.02 7.62
CA VAL A 367 -12.56 -10.80 8.24
C VAL A 367 -11.50 -11.14 9.27
N GLU A 368 -11.76 -12.17 10.09
CA GLU A 368 -10.85 -12.51 11.18
C GLU A 368 -9.55 -13.12 10.66
N LEU A 369 -9.63 -13.96 9.62
CA LEU A 369 -8.43 -14.49 8.98
C LEU A 369 -7.51 -13.38 8.51
N MET A 370 -8.07 -12.28 8.00
CA MET A 370 -7.23 -11.18 7.54
C MET A 370 -6.73 -10.34 8.72
N ARG A 371 -7.65 -9.86 9.54
CA ARG A 371 -7.34 -8.98 10.66
C ARG A 371 -6.43 -9.68 11.67
N ARG A 372 -6.96 -10.67 12.38
CA ARG A 372 -6.19 -11.33 13.43
C ARG A 372 -5.19 -12.35 12.91
N GLY A 373 -5.49 -13.02 11.80
CA GLY A 373 -4.55 -14.02 11.31
C GLY A 373 -3.51 -13.47 10.36
N ASP A 374 -3.78 -12.27 9.81
CA ASP A 374 -2.85 -11.60 8.90
C ASP A 374 -2.62 -12.37 7.61
N LEU A 375 -3.66 -13.04 7.14
CA LEU A 375 -3.48 -13.79 5.90
C LEU A 375 -3.87 -12.94 4.70
N PRO A 376 -3.28 -13.19 3.53
CA PRO A 376 -3.73 -12.47 2.32
C PRO A 376 -5.23 -12.59 2.11
N VAL A 377 -5.79 -11.62 1.40
CA VAL A 377 -7.22 -11.63 1.10
C VAL A 377 -7.61 -12.93 0.41
N TRP A 378 -6.95 -13.25 -0.71
CA TRP A 378 -7.28 -14.45 -1.45
C TRP A 378 -7.28 -15.67 -0.54
N LEU A 379 -6.17 -15.90 0.15
CA LEU A 379 -6.06 -17.06 1.01
C LEU A 379 -7.17 -17.07 2.05
N SER A 380 -7.44 -15.92 2.69
CA SER A 380 -8.49 -15.86 3.71
C SER A 380 -9.84 -16.19 3.11
N TYR A 381 -10.10 -15.73 1.89
CA TYR A 381 -11.39 -16.00 1.24
C TYR A 381 -11.58 -17.49 1.03
N LYS A 382 -10.52 -18.19 0.60
CA LYS A 382 -10.62 -19.63 0.36
C LYS A 382 -10.91 -20.40 1.65
N VAL A 383 -10.21 -20.07 2.72
CA VAL A 383 -10.40 -20.78 3.99
C VAL A 383 -11.80 -20.53 4.54
N ALA A 384 -12.24 -19.27 4.55
CA ALA A 384 -13.53 -18.95 5.14
C ALA A 384 -14.68 -19.56 4.35
N SER A 385 -14.59 -19.54 3.01
CA SER A 385 -15.67 -20.01 2.17
C SER A 385 -15.71 -21.53 2.07
N ALA A 386 -14.68 -22.22 2.54
CA ALA A 386 -14.76 -23.67 2.71
C ALA A 386 -15.45 -24.06 4.01
N GLY A 387 -15.90 -23.08 4.79
CA GLY A 387 -16.56 -23.37 6.05
C GLY A 387 -15.64 -23.65 7.21
N ILE A 388 -14.36 -23.28 7.12
CA ILE A 388 -13.42 -23.51 8.21
C ILE A 388 -13.54 -22.36 9.21
N SER A 389 -13.36 -22.68 10.49
CA SER A 389 -13.40 -21.68 11.55
C SER A 389 -12.02 -21.09 11.73
N TYR A 390 -11.98 -19.83 12.20
CA TYR A 390 -10.69 -19.17 12.35
C TYR A 390 -9.70 -20.05 13.10
N LYS A 391 -10.15 -20.71 14.16
CA LYS A 391 -9.23 -21.46 15.02
C LYS A 391 -8.80 -22.78 14.40
N ASP A 392 -9.55 -23.32 13.45
CA ASP A 392 -9.27 -24.65 12.93
C ASP A 392 -8.13 -24.55 11.92
N ARG A 393 -6.98 -25.13 12.27
CA ARG A 393 -5.76 -24.98 11.50
C ARG A 393 -5.40 -26.24 10.73
N GLU A 394 -6.29 -27.22 10.69
CA GLU A 394 -5.97 -28.48 10.02
C GLU A 394 -5.60 -28.27 8.55
N TRP A 395 -6.31 -27.36 7.85
CA TRP A 395 -6.04 -27.14 6.43
C TRP A 395 -4.58 -26.79 6.13
N CYS A 396 -3.84 -26.27 7.12
CA CYS A 396 -2.43 -25.99 6.89
C CYS A 396 -1.61 -27.26 6.74
N PHE A 397 -2.19 -28.43 7.00
CA PHE A 397 -1.43 -29.67 6.92
C PHE A 397 -2.02 -30.72 5.98
N THR A 398 -3.20 -30.46 5.39
CA THR A 398 -3.90 -31.46 4.60
C THR A 398 -3.82 -31.19 3.11
N GLY A 399 -2.82 -30.44 2.65
CA GLY A 399 -2.69 -30.17 1.23
C GLY A 399 -2.00 -31.31 0.50
N GLU A 400 -2.04 -31.23 -0.83
CA GLU A 400 -1.37 -32.24 -1.67
C GLU A 400 0.14 -32.14 -1.50
N ARG A 401 0.83 -33.19 -1.93
CA ARG A 401 2.29 -33.21 -1.77
C ARG A 401 2.92 -31.99 -2.45
N ASN A 402 2.38 -31.56 -3.59
CA ASN A 402 2.97 -30.41 -4.29
C ASN A 402 2.96 -29.15 -3.43
N ASN A 403 2.04 -29.05 -2.49
CA ASN A 403 1.90 -27.87 -1.63
C ASN A 403 2.86 -27.88 -0.45
N GLN A 404 3.75 -28.86 -0.39
CA GLN A 404 4.72 -28.91 0.69
C GLN A 404 5.60 -27.67 0.66
N ILE A 405 5.78 -27.03 1.81
CA ILE A 405 6.54 -25.79 1.91
C ILE A 405 8.00 -26.14 2.21
N LEU A 406 8.91 -25.53 1.45
CA LEU A 406 10.33 -25.75 1.61
C LEU A 406 11.01 -24.49 2.09
N GLU A 407 12.02 -24.67 2.92
CA GLU A 407 12.94 -23.61 3.23
C GLU A 407 14.36 -24.11 3.13
N GLU A 408 15.09 -23.58 2.19
CA GLU A 408 16.43 -24.03 1.93
C GLU A 408 16.43 -25.47 1.46
N ASN A 409 15.44 -25.86 0.70
CA ASN A 409 15.39 -27.21 0.14
C ASN A 409 15.21 -28.26 1.23
N MET A 410 14.68 -27.81 2.33
CA MET A 410 14.30 -28.60 3.50
C MET A 410 12.80 -28.46 3.71
N GLU A 411 12.12 -29.59 3.91
CA GLU A 411 10.68 -29.58 4.08
C GLU A 411 10.32 -29.01 5.45
N VAL A 412 9.57 -27.90 5.45
CA VAL A 412 9.20 -27.26 6.69
C VAL A 412 8.37 -28.19 7.55
N GLU A 413 8.67 -28.19 8.85
CA GLU A 413 8.06 -29.07 9.83
C GLU A 413 7.82 -28.24 11.07
N ILE A 414 6.60 -28.26 11.59
CA ILE A 414 6.25 -27.47 12.77
C ILE A 414 5.35 -28.27 13.71
N TRP A 415 5.10 -27.68 14.87
CA TRP A 415 4.28 -28.30 15.91
C TRP A 415 2.88 -27.75 15.80
N THR A 416 1.90 -28.64 15.64
CA THR A 416 0.53 -28.18 15.79
C THR A 416 0.34 -27.64 17.21
N ARG A 417 -0.69 -26.82 17.38
CA ARG A 417 -1.03 -26.35 18.71
C ARG A 417 -1.19 -27.51 19.68
N GLU A 418 -1.78 -28.61 19.19
CA GLU A 418 -2.09 -29.77 20.02
C GLU A 418 -0.84 -30.54 20.43
N GLY A 419 0.28 -30.32 19.77
CA GLY A 419 1.53 -30.94 20.15
C GLY A 419 2.08 -31.98 19.21
N GLU A 420 1.61 -32.05 17.98
CA GLU A 420 2.15 -32.98 17.00
C GLU A 420 3.03 -32.26 15.98
N LYS A 421 4.10 -32.93 15.57
CA LYS A 421 4.98 -32.41 14.55
C LYS A 421 4.46 -32.82 13.17
N LYS A 422 4.19 -31.84 12.32
CA LYS A 422 3.60 -32.10 11.02
C LYS A 422 4.31 -31.29 9.95
N LYS A 423 4.37 -31.86 8.75
CA LYS A 423 4.85 -31.14 7.58
C LYS A 423 3.90 -30.00 7.24
N LEU A 424 4.45 -28.78 7.11
CA LEU A 424 3.63 -27.64 6.68
C LEU A 424 3.24 -27.83 5.22
N ARG A 425 1.95 -27.94 4.98
CA ARG A 425 1.51 -28.36 3.66
C ARG A 425 0.11 -27.82 3.45
N PRO A 426 -0.01 -26.55 3.11
CA PRO A 426 -1.33 -25.91 3.12
C PRO A 426 -2.22 -26.41 1.99
N LYS A 427 -3.50 -26.57 2.32
CA LYS A 427 -4.48 -26.97 1.31
C LYS A 427 -4.56 -25.97 0.18
N TRP A 428 -4.44 -24.67 0.49
CA TRP A 428 -4.35 -23.62 -0.51
C TRP A 428 -2.98 -22.95 -0.43
N LEU A 429 -2.40 -22.68 -1.61
CA LEU A 429 -1.04 -22.14 -1.73
C LEU A 429 -1.12 -20.66 -2.11
N ASP A 430 -0.59 -19.80 -1.25
CA ASP A 430 -0.43 -18.40 -1.59
C ASP A 430 1.01 -18.01 -1.28
N ALA A 431 1.79 -17.76 -2.34
CA ALA A 431 3.22 -17.55 -2.19
C ALA A 431 3.55 -16.42 -1.23
N ARG A 432 2.63 -15.47 -1.04
CA ARG A 432 2.89 -14.37 -0.12
C ARG A 432 3.06 -14.85 1.31
N VAL A 433 2.58 -16.04 1.68
CA VAL A 433 2.82 -16.49 3.04
C VAL A 433 4.07 -17.34 3.18
N TYR A 434 4.79 -17.62 2.09
CA TYR A 434 6.00 -18.42 2.25
C TYR A 434 7.24 -17.92 1.51
N ALA A 435 7.13 -16.99 0.55
CA ALA A 435 8.28 -16.61 -0.26
C ALA A 435 9.36 -15.93 0.58
N ASP A 436 8.98 -14.89 1.31
CA ASP A 436 9.86 -14.14 2.21
C ASP A 436 9.97 -14.85 3.56
N PRO A 437 11.19 -15.02 4.09
CA PRO A 437 11.34 -15.78 5.35
C PRO A 437 10.50 -15.22 6.50
N MET A 438 10.45 -13.91 6.67
CA MET A 438 9.64 -13.35 7.74
C MET A 438 8.16 -13.62 7.53
N ALA A 439 7.71 -13.67 6.28
CA ALA A 439 6.32 -14.07 6.02
C ALA A 439 6.11 -15.53 6.36
N LEU A 440 7.05 -16.39 5.98
CA LEU A 440 7.00 -17.79 6.40
C LEU A 440 7.00 -17.89 7.92
N LYS A 441 7.84 -17.10 8.58
CA LYS A 441 7.86 -17.13 10.03
C LYS A 441 6.48 -16.82 10.60
N ASP A 442 5.80 -15.83 10.05
CA ASP A 442 4.44 -15.53 10.52
C ASP A 442 3.46 -16.62 10.15
N PHE A 443 3.59 -17.20 8.95
CA PHE A 443 2.65 -18.25 8.58
C PHE A 443 2.83 -19.49 9.46
N LYS A 444 4.07 -19.87 9.73
CA LYS A 444 4.29 -20.98 10.66
C LYS A 444 3.59 -20.73 11.97
N GLU A 445 3.76 -19.52 12.52
CA GLU A 445 3.08 -19.17 13.77
C GLU A 445 1.58 -19.37 13.64
N PHE A 446 1.00 -18.99 12.50
CA PHE A 446 -0.42 -19.21 12.29
C PHE A 446 -0.75 -20.71 12.27
N ALA A 447 -0.04 -21.47 11.44
CA ALA A 447 -0.32 -22.90 11.33
C ALA A 447 -0.21 -23.58 12.69
N SER A 448 0.76 -23.16 13.50
CA SER A 448 0.92 -23.74 14.83
C SER A 448 -0.14 -23.27 15.82
N GLY A 449 -1.10 -22.44 15.38
CA GLY A 449 -2.18 -22.02 16.26
C GLY A 449 -1.80 -21.02 17.34
N ARG A 450 -0.64 -20.36 17.23
CA ARG A 450 -0.26 -19.33 18.18
C ARG A 450 -0.85 -17.97 17.84
N LYS A 451 -1.77 -17.92 16.88
CA LYS A 451 -2.34 -16.69 16.33
C LYS A 451 -3.83 -16.86 16.17
C1 GOL B . -2.35 2.98 -13.29
O1 GOL B . -2.56 4.37 -13.12
C2 GOL B . -3.09 2.23 -12.21
O2 GOL B . -4.50 2.45 -12.29
C3 GOL B . -2.73 0.74 -12.16
O3 GOL B . -2.69 0.13 -13.45
C1 GOL C . 10.52 20.70 -13.39
O1 GOL C . 11.38 21.79 -13.19
C2 GOL C . 10.02 20.58 -14.82
O2 GOL C . 11.11 20.59 -15.70
C3 GOL C . 9.26 19.26 -14.93
O3 GOL C . 7.89 19.49 -15.11
H11 GOL C . 11.03 19.79 -13.10
H12 GOL C . 9.66 20.81 -12.72
HO1 GOL C . 11.62 21.86 -12.25
H2 GOL C . 9.35 21.40 -15.04
HO2 GOL C . 11.71 19.84 -15.49
H31 GOL C . 9.64 18.69 -15.77
H32 GOL C . 9.42 18.66 -14.03
HO3 GOL C . 7.63 19.27 -16.03
CL CL D . 7.57 -5.34 0.64
#